data_3R08
#
_entry.id   3R08
#
_cell.length_a   263.177
_cell.length_b   263.177
_cell.length_c   263.177
_cell.angle_alpha   90.00
_cell.angle_beta   90.00
_cell.angle_gamma   90.00
#
_symmetry.space_group_name_H-M   'I 41 3 2'
#
loop_
_entity.id
_entity.type
_entity.pdbx_description
1 polymer 'Mouse anti-mouse CD3epsilon antibody 2C11 light chain'
2 polymer 'Mouse anti-mouse CD3epsilon antibody 2C11 heavy chain'
3 polymer 'T-cell surface glycoprotein CD3 epsilon chain'
#
loop_
_entity_poly.entity_id
_entity_poly.type
_entity_poly.pdbx_seq_one_letter_code
_entity_poly.pdbx_strand_id
1 'polypeptide(L)'
;DIQMTQSPSSLPASLGDRVTINCQASQDISNYLNWYQQKPGKAPKLLIYYTNKLADGVPSRFSGSGSGRDSSFTISSLES
EDIGSYYCQQYYNYPWTFGPGTKLEIKRADAKPTVSIFPPSSEQLGTGSATLVCFVNNFYPKDINVKWKVDGSEKRDGVL
QSVTDQDSKDSTYSLSSTLSLTKADYERHNLYTCEVTHKTSTAAIVKTLNRNE
;
L
2 'polypeptide(L)'
;EVQLVESGGGLVQPGKSLKLSCEASGFTFSGYGMHWVRQAPGRGLESVAYITSSSINIKYADAVKGRFTVSRDNAKNLLF
LQMNILKSEDTAMYYCARFDWDKNYWGQGTMVTVSSAKTTAPSVYPLAPACDSTTSTTNTVTLGCLVKGYFPEPVTVIWN
SGALTSGVHTFPSVLHSGLYSLSSSVTVPSSTWPSQTVTCNVAHPASSTTVDLKIE
;
H
3 'polypeptide(L)'
;DDAENIEYKVSISGTSVELTCPLDSDENLKWEKNGQELPQKHDKHLVLQDFSEVEDSGYYVCYTPASNKNTYLYLKARVS
EY
;
E
#
# COMPACT_ATOMS: atom_id res chain seq x y z
N ASP A 1 8.95 -19.23 10.97
CA ASP A 1 8.20 -18.11 10.40
C ASP A 1 7.39 -17.32 11.46
N ILE A 2 7.95 -16.15 11.88
CA ILE A 2 7.46 -15.23 12.92
C ILE A 2 6.10 -14.59 12.58
N GLN A 3 5.56 -13.76 13.49
CA GLN A 3 4.34 -13.00 13.30
C GLN A 3 4.14 -11.77 14.16
N MET A 4 3.75 -10.66 13.47
CA MET A 4 3.53 -9.28 13.96
C MET A 4 2.10 -8.83 14.30
N THR A 5 2.02 -8.15 15.45
CA THR A 5 0.82 -7.59 16.08
C THR A 5 0.95 -6.06 16.18
N GLN A 6 0.20 -5.32 15.38
CA GLN A 6 0.24 -3.85 15.49
C GLN A 6 -1.00 -3.37 16.20
N SER A 7 -0.85 -2.43 17.15
CA SER A 7 -1.98 -1.90 17.92
C SER A 7 -1.81 -0.38 18.06
N PRO A 8 -2.72 0.50 17.55
CA PRO A 8 -3.99 0.25 16.86
C PRO A 8 -3.89 0.19 15.34
N SER A 9 -4.98 -0.18 14.67
CA SER A 9 -5.01 -0.20 13.21
C SER A 9 -5.76 1.01 12.61
N SER A 10 -5.84 2.07 13.43
CA SER A 10 -6.36 3.41 13.16
C SER A 10 -6.10 4.22 14.39
N LEU A 11 -5.32 5.28 14.24
CA LEU A 11 -4.97 6.14 15.36
C LEU A 11 -5.29 7.57 15.04
N PRO A 12 -6.56 7.94 15.18
CA PRO A 12 -6.93 9.34 14.97
C PRO A 12 -6.35 10.13 16.12
N ALA A 13 -5.49 11.09 15.80
CA ALA A 13 -4.85 11.89 16.83
C ALA A 13 -4.65 13.30 16.38
N SER A 14 -4.83 14.23 17.32
CA SER A 14 -4.65 15.66 17.14
C SER A 14 -3.20 15.93 16.75
N LEU A 15 -2.88 17.12 16.30
CA LEU A 15 -1.50 17.36 15.95
C LEU A 15 -0.65 17.69 17.16
N GLY A 16 0.59 17.26 17.08
CA GLY A 16 1.58 17.55 18.09
C GLY A 16 1.31 16.91 19.42
N ASP A 17 1.26 15.56 19.43
CA ASP A 17 1.07 14.71 20.63
C ASP A 17 1.67 13.33 20.51
N ARG A 18 2.16 12.83 21.65
CA ARG A 18 2.81 11.54 21.88
C ARG A 18 1.99 10.38 21.27
N VAL A 19 2.18 10.15 19.99
CA VAL A 19 1.47 9.08 19.31
C VAL A 19 2.31 7.81 19.46
N THR A 20 1.69 6.75 19.98
CA THR A 20 2.42 5.53 20.20
C THR A 20 1.83 4.36 19.47
N ILE A 21 2.67 3.58 18.79
CA ILE A 21 2.28 2.36 18.07
C ILE A 21 3.06 1.22 18.70
N ASN A 22 2.41 0.05 18.81
CA ASN A 22 3.02 -1.14 19.40
C ASN A 22 3.09 -2.30 18.43
N CYS A 23 4.21 -3.01 18.49
CA CYS A 23 4.50 -4.17 17.66
C CYS A 23 4.81 -5.32 18.58
N GLN A 24 4.47 -6.54 18.17
CA GLN A 24 4.70 -7.73 18.99
C GLN A 24 4.91 -8.92 18.09
N ALA A 25 6.04 -9.59 18.28
CA ALA A 25 6.36 -10.78 17.52
C ALA A 25 6.00 -12.07 18.27
N SER A 26 5.99 -13.21 17.55
CA SER A 26 5.77 -14.55 18.09
C SER A 26 6.90 -14.85 19.11
N GLN A 27 8.07 -15.32 18.61
CA GLN A 27 9.27 -15.58 19.42
C GLN A 27 10.20 -14.34 19.38
N ASP A 28 11.37 -14.41 20.06
CA ASP A 28 12.32 -13.31 20.11
C ASP A 28 12.78 -12.95 18.70
N ILE A 29 12.86 -11.62 18.42
CA ILE A 29 13.35 -11.04 17.16
C ILE A 29 14.74 -10.46 17.36
N SER A 30 15.19 -10.36 18.64
CA SER A 30 16.52 -9.87 19.09
C SER A 30 16.85 -8.43 18.60
N ASN A 31 15.83 -7.55 18.63
CA ASN A 31 15.88 -6.16 18.18
C ASN A 31 15.86 -5.93 16.66
N TYR A 32 16.11 -6.98 15.81
CA TYR A 32 16.06 -6.91 14.35
C TYR A 32 14.64 -6.57 13.86
N LEU A 33 14.19 -5.36 14.19
CA LEU A 33 12.87 -4.83 13.89
C LEU A 33 13.03 -3.48 13.22
N ASN A 34 12.24 -3.21 12.16
CA ASN A 34 12.23 -1.97 11.38
C ASN A 34 10.87 -1.30 11.47
N TRP A 35 10.82 -0.02 11.13
CA TRP A 35 9.59 0.76 11.12
C TRP A 35 9.50 1.53 9.81
N TYR A 36 8.31 1.70 9.23
CA TYR A 36 8.18 2.37 7.92
C TYR A 36 7.07 3.40 7.87
N GLN A 37 7.14 4.35 6.91
CA GLN A 37 6.09 5.35 6.75
C GLN A 37 5.56 5.29 5.30
N GLN A 38 4.58 4.43 5.06
CA GLN A 38 4.03 4.31 3.72
C GLN A 38 2.93 5.37 3.54
N LYS A 39 3.22 6.47 2.82
CA LYS A 39 2.18 7.49 2.56
C LYS A 39 1.40 7.04 1.25
N PRO A 40 0.34 7.73 0.71
CA PRO A 40 -0.38 7.28 -0.50
C PRO A 40 -0.21 5.95 -1.20
N GLY A 41 -0.16 5.97 -2.53
CA GLY A 41 -0.17 4.73 -3.31
C GLY A 41 1.07 3.86 -3.23
N LYS A 42 2.21 4.55 -3.34
CA LYS A 42 3.63 4.16 -3.46
C LYS A 42 4.45 3.84 -2.19
N ALA A 43 5.58 3.12 -2.42
CA ALA A 43 6.61 2.60 -1.53
C ALA A 43 6.71 3.08 -0.07
N PRO A 44 7.00 2.14 0.86
CA PRO A 44 7.18 2.50 2.27
C PRO A 44 8.60 2.98 2.61
N LYS A 45 8.75 4.14 3.28
CA LYS A 45 10.05 4.71 3.69
C LYS A 45 10.49 4.08 5.00
N LEU A 46 11.78 3.70 5.14
CA LEU A 46 12.28 3.15 6.41
C LEU A 46 12.51 4.31 7.39
N LEU A 47 12.13 4.12 8.66
CA LEU A 47 12.28 5.16 9.65
C LEU A 47 13.26 4.78 10.72
N ILE A 48 13.07 3.60 11.36
CA ILE A 48 13.94 3.09 12.43
C ILE A 48 14.37 1.68 12.11
N TYR A 49 15.67 1.42 12.25
CA TYR A 49 16.25 0.09 12.02
C TYR A 49 16.80 -0.44 13.34
N TYR A 50 16.90 -1.77 13.52
CA TYR A 50 17.35 -2.36 14.79
C TYR A 50 16.73 -1.68 16.03
N THR A 51 15.39 -1.54 16.02
CA THR A 51 14.56 -0.84 16.98
C THR A 51 15.04 0.51 17.46
N ASN A 52 16.02 0.56 18.36
CA ASN A 52 16.54 1.81 18.91
C ASN A 52 17.04 2.78 17.86
N LYS A 53 17.88 2.28 16.92
CA LYS A 53 18.58 2.98 15.83
C LYS A 53 17.70 3.70 14.78
N LEU A 54 17.78 5.05 14.73
CA LEU A 54 17.03 5.88 13.79
C LEU A 54 17.77 6.01 12.49
N ALA A 55 17.04 5.89 11.36
CA ALA A 55 17.61 5.94 10.03
C ALA A 55 18.02 7.32 9.60
N ASP A 56 18.59 7.40 8.40
CA ASP A 56 19.13 8.63 7.83
C ASP A 56 18.13 9.68 7.39
N GLY A 57 18.14 10.80 8.12
CA GLY A 57 17.25 11.93 7.87
C GLY A 57 15.81 11.67 8.23
N VAL A 58 15.62 11.05 9.40
CA VAL A 58 14.30 10.73 9.93
C VAL A 58 14.17 11.66 11.09
N PRO A 59 13.02 12.34 11.22
CA PRO A 59 12.87 13.34 12.28
C PRO A 59 13.12 12.85 13.67
N SER A 60 14.07 13.52 14.31
CA SER A 60 14.54 13.42 15.68
C SER A 60 13.47 12.88 16.65
N ARG A 61 12.23 13.37 16.48
CA ARG A 61 11.06 13.06 17.27
C ARG A 61 10.65 11.60 17.30
N PHE A 62 10.72 10.91 16.13
CA PHE A 62 10.41 9.48 15.96
C PHE A 62 11.32 8.67 16.84
N SER A 63 10.77 7.81 17.70
CA SER A 63 11.57 7.03 18.64
C SER A 63 11.17 5.59 18.70
N GLY A 64 12.07 4.76 18.16
CA GLY A 64 11.92 3.32 18.14
C GLY A 64 12.35 2.73 19.46
N SER A 65 11.43 2.00 20.14
CA SER A 65 11.70 1.41 21.45
C SER A 65 11.14 -0.01 21.57
N GLY A 66 11.44 -0.66 22.69
CA GLY A 66 11.02 -2.03 22.96
C GLY A 66 11.96 -3.10 22.41
N SER A 67 12.15 -4.18 23.19
CA SER A 67 13.04 -5.28 22.82
C SER A 67 12.53 -6.67 23.26
N GLY A 68 13.23 -7.70 22.78
CA GLY A 68 12.91 -9.09 23.07
C GLY A 68 11.86 -9.58 22.09
N ARG A 69 10.66 -9.97 22.62
CA ARG A 69 9.52 -10.46 21.83
C ARG A 69 8.57 -9.31 21.40
N ASP A 70 8.80 -8.11 21.96
CA ASP A 70 8.00 -6.91 21.73
C ASP A 70 8.80 -5.71 21.17
N SER A 71 8.09 -4.56 21.02
CA SER A 71 8.56 -3.26 20.53
C SER A 71 7.43 -2.21 20.44
N SER A 72 7.83 -0.95 20.28
CA SER A 72 6.95 0.20 20.13
C SER A 72 7.57 1.19 19.19
N PHE A 73 6.86 2.30 18.94
CA PHE A 73 7.30 3.41 18.12
C PHE A 73 6.57 4.66 18.58
N THR A 74 7.25 5.85 18.63
CA THR A 74 6.59 7.06 19.12
C THR A 74 6.90 8.39 18.42
N ILE A 75 5.95 8.94 17.66
CA ILE A 75 6.12 10.27 17.11
C ILE A 75 5.92 11.18 18.32
N SER A 76 7.01 11.76 18.85
CA SER A 76 6.98 12.65 20.02
C SER A 76 5.87 13.71 20.00
N SER A 77 5.73 14.43 18.86
CA SER A 77 4.72 15.49 18.61
C SER A 77 4.36 15.51 17.14
N LEU A 78 3.30 14.74 16.81
CA LEU A 78 2.75 14.52 15.48
C LEU A 78 2.57 15.76 14.63
N GLU A 79 3.45 15.93 13.62
CA GLU A 79 3.38 17.06 12.70
C GLU A 79 2.70 16.66 11.41
N SER A 80 2.03 17.63 10.80
CA SER A 80 1.30 17.63 9.52
C SER A 80 1.65 16.57 8.45
N GLU A 81 2.92 16.34 8.26
CA GLU A 81 3.47 15.46 7.24
C GLU A 81 3.57 14.03 7.67
N ASP A 82 3.44 13.78 8.98
CA ASP A 82 3.56 12.44 9.53
C ASP A 82 2.30 11.59 9.35
N ILE A 83 1.30 12.12 8.63
CA ILE A 83 0.02 11.45 8.37
C ILE A 83 0.13 10.39 7.26
N GLY A 84 -0.20 9.14 7.59
CA GLY A 84 -0.15 7.99 6.68
C GLY A 84 0.10 6.68 7.41
N SER A 85 0.13 5.56 6.69
CA SER A 85 0.34 4.24 7.30
C SER A 85 1.74 4.06 7.91
N TYR A 86 1.82 3.31 9.03
CA TYR A 86 3.06 2.96 9.74
C TYR A 86 3.19 1.47 9.85
N TYR A 87 4.36 0.94 9.51
CA TYR A 87 4.52 -0.51 9.57
C TYR A 87 5.73 -0.90 10.33
N CYS A 88 5.62 -2.00 11.08
CA CYS A 88 6.75 -2.62 11.73
C CYS A 88 7.01 -3.90 10.95
N GLN A 89 8.26 -4.30 10.89
CA GLN A 89 8.64 -5.48 10.14
C GLN A 89 9.81 -6.07 10.88
N GLN A 90 10.04 -7.37 10.75
CA GLN A 90 11.15 -8.00 11.42
C GLN A 90 12.20 -8.51 10.44
N TYR A 91 13.48 -8.58 10.88
CA TYR A 91 14.56 -9.10 10.06
C TYR A 91 15.40 -10.26 10.66
N TYR A 92 14.84 -10.96 11.69
CA TYR A 92 15.44 -12.09 12.39
C TYR A 92 15.60 -13.35 11.54
N ASN A 93 14.68 -13.58 10.59
CA ASN A 93 14.68 -14.74 9.69
C ASN A 93 13.93 -14.43 8.40
N TYR A 94 14.34 -15.03 7.26
CA TYR A 94 13.55 -14.88 6.04
C TYR A 94 12.50 -16.00 6.08
N PRO A 95 11.20 -15.75 5.77
CA PRO A 95 10.62 -14.49 5.27
C PRO A 95 10.50 -13.43 6.34
N TRP A 96 10.83 -12.17 5.95
CA TRP A 96 10.68 -11.00 6.79
C TRP A 96 9.18 -10.96 7.05
N THR A 97 8.79 -11.10 8.30
CA THR A 97 7.38 -11.06 8.61
C THR A 97 7.02 -9.62 8.84
N PHE A 98 5.97 -9.17 8.17
CA PHE A 98 5.51 -7.78 8.24
C PHE A 98 4.32 -7.58 9.17
N GLY A 99 4.24 -6.37 9.71
CA GLY A 99 3.15 -6.00 10.57
C GLY A 99 1.87 -5.70 9.82
N PRO A 100 0.73 -5.74 10.54
CA PRO A 100 -0.58 -5.42 9.92
C PRO A 100 -0.63 -4.10 9.12
N GLY A 101 -0.71 -2.97 9.85
CA GLY A 101 -0.77 -1.65 9.25
C GLY A 101 -1.64 -0.62 9.94
N THR A 102 -1.01 0.19 10.84
CA THR A 102 -1.56 1.31 11.62
C THR A 102 -1.70 2.53 10.71
N LYS A 103 -2.89 3.13 10.64
CA LYS A 103 -3.08 4.33 9.84
C LYS A 103 -3.31 5.56 10.69
N LEU A 104 -2.53 6.61 10.44
CA LEU A 104 -2.59 7.85 11.18
C LEU A 104 -3.62 8.78 10.64
N GLU A 105 -4.61 9.05 11.45
CA GLU A 105 -5.68 9.91 11.06
C GLU A 105 -5.52 11.24 11.77
N ILE A 106 -5.42 12.31 10.98
CA ILE A 106 -5.25 13.65 11.52
C ILE A 106 -6.54 14.17 12.09
N LYS A 107 -6.53 14.43 13.40
CA LYS A 107 -7.70 14.95 14.07
C LYS A 107 -7.81 16.44 13.82
N ARG A 108 -8.94 16.82 13.18
CA ARG A 108 -9.30 18.19 12.81
C ARG A 108 -10.62 18.59 13.46
N ALA A 109 -11.03 19.87 13.35
CA ALA A 109 -12.30 20.35 13.89
C ALA A 109 -13.49 19.70 13.18
N ASP A 110 -14.73 19.98 13.62
CA ASP A 110 -15.90 19.34 13.01
C ASP A 110 -16.48 20.10 11.84
N ALA A 111 -17.01 19.37 10.85
CA ALA A 111 -17.59 19.95 9.64
C ALA A 111 -18.90 19.30 9.20
N LYS A 112 -19.92 20.15 8.89
CA LYS A 112 -21.27 19.77 8.43
C LYS A 112 -21.22 19.28 6.97
N PRO A 113 -21.72 18.06 6.67
CA PRO A 113 -21.65 17.57 5.29
C PRO A 113 -22.50 18.38 4.33
N THR A 114 -22.26 18.29 3.02
CA THR A 114 -23.09 19.01 2.06
C THR A 114 -23.75 17.96 1.20
N VAL A 115 -25.05 17.76 1.43
CA VAL A 115 -25.82 16.70 0.77
C VAL A 115 -26.34 17.02 -0.62
N SER A 116 -25.79 16.33 -1.64
CA SER A 116 -26.18 16.48 -3.02
C SER A 116 -26.80 15.20 -3.55
N ILE A 117 -28.10 15.26 -3.91
CA ILE A 117 -28.92 14.14 -4.41
C ILE A 117 -29.10 14.17 -5.93
N PHE A 118 -28.81 13.03 -6.60
CA PHE A 118 -28.87 12.98 -8.06
C PHE A 118 -29.83 11.98 -8.71
N PRO A 119 -30.62 12.47 -9.70
CA PRO A 119 -31.57 11.58 -10.39
C PRO A 119 -30.92 10.74 -11.49
N PRO A 120 -31.11 9.38 -11.51
CA PRO A 120 -30.51 8.55 -12.57
C PRO A 120 -30.64 9.16 -13.95
N SER A 121 -29.50 9.21 -14.66
CA SER A 121 -29.38 9.83 -15.98
C SER A 121 -30.34 9.24 -16.99
N SER A 122 -30.86 10.13 -17.85
CA SER A 122 -31.77 9.81 -18.95
C SER A 122 -31.25 8.62 -19.77
N GLU A 123 -29.99 8.73 -20.27
CA GLU A 123 -29.29 7.71 -21.06
C GLU A 123 -29.23 6.37 -20.38
N GLN A 124 -29.01 6.36 -19.04
CA GLN A 124 -28.96 5.16 -18.20
C GLN A 124 -30.31 4.48 -18.16
N LEU A 125 -31.37 5.25 -17.82
CA LEU A 125 -32.74 4.76 -17.75
C LEU A 125 -33.11 4.00 -19.03
N GLY A 126 -32.57 4.46 -20.16
CA GLY A 126 -32.76 3.83 -21.47
C GLY A 126 -32.09 2.48 -21.61
N THR A 127 -30.94 2.28 -20.95
CA THR A 127 -30.19 1.01 -21.02
C THR A 127 -30.78 -0.13 -20.17
N GLY A 128 -31.77 0.20 -19.35
CA GLY A 128 -32.40 -0.77 -18.46
C GLY A 128 -32.07 -0.44 -17.03
N SER A 129 -30.77 -0.27 -16.74
CA SER A 129 -30.25 0.10 -15.42
C SER A 129 -30.82 1.48 -15.01
N ALA A 130 -31.00 1.71 -13.70
CA ALA A 130 -31.55 2.96 -13.16
C ALA A 130 -30.93 3.29 -11.78
N THR A 131 -29.60 3.00 -11.65
CA THR A 131 -28.78 3.20 -10.45
C THR A 131 -28.82 4.69 -10.01
N LEU A 132 -29.16 4.92 -8.73
CA LEU A 132 -29.31 6.23 -8.12
C LEU A 132 -28.07 6.67 -7.35
N VAL A 133 -27.82 8.01 -7.26
CA VAL A 133 -26.64 8.52 -6.54
C VAL A 133 -26.87 9.72 -5.61
N CYS A 134 -26.07 9.77 -4.53
CA CYS A 134 -26.10 10.79 -3.50
C CYS A 134 -24.69 11.04 -2.98
N PHE A 135 -24.34 12.31 -2.80
CA PHE A 135 -23.04 12.73 -2.27
C PHE A 135 -23.18 13.47 -0.95
N VAL A 136 -22.23 13.23 -0.04
CA VAL A 136 -22.13 13.90 1.25
C VAL A 136 -20.65 14.25 1.38
N ASN A 137 -20.31 15.52 1.21
CA ASN A 137 -18.91 15.92 1.17
C ASN A 137 -18.45 16.91 2.18
N ASN A 138 -17.12 16.92 2.38
CA ASN A 138 -16.40 17.84 3.24
C ASN A 138 -16.97 17.85 4.64
N PHE A 139 -16.66 16.78 5.39
CA PHE A 139 -17.14 16.57 6.75
C PHE A 139 -16.15 15.87 7.65
N TYR A 140 -16.21 16.20 8.95
CA TYR A 140 -15.45 15.60 10.03
C TYR A 140 -16.35 15.71 11.24
N PRO A 141 -16.48 14.66 12.09
CA PRO A 141 -15.74 13.39 12.12
C PRO A 141 -16.10 12.36 11.07
N LYS A 142 -15.32 11.29 11.14
CA LYS A 142 -15.34 10.10 10.32
C LYS A 142 -16.70 9.40 10.18
N ASP A 143 -17.35 9.08 11.33
CA ASP A 143 -18.59 8.27 11.45
C ASP A 143 -19.94 8.79 10.98
N ILE A 144 -20.41 8.14 9.90
CA ILE A 144 -21.68 8.36 9.19
C ILE A 144 -22.04 7.08 8.38
N ASN A 145 -23.35 6.73 8.36
CA ASN A 145 -23.95 5.60 7.64
C ASN A 145 -25.28 6.10 7.08
N VAL A 146 -25.21 6.80 5.92
CA VAL A 146 -26.37 7.37 5.26
C VAL A 146 -27.28 6.28 4.69
N LYS A 147 -28.62 6.52 4.76
CA LYS A 147 -29.66 5.59 4.30
C LYS A 147 -30.47 6.11 3.10
N TRP A 148 -31.17 5.18 2.43
CA TRP A 148 -32.01 5.45 1.27
C TRP A 148 -33.51 5.18 1.57
N LYS A 149 -34.35 6.25 1.53
CA LYS A 149 -35.81 6.24 1.77
C LYS A 149 -36.62 6.48 0.45
N VAL A 150 -36.87 5.38 -0.30
CA VAL A 150 -37.63 5.34 -1.56
C VAL A 150 -39.13 5.27 -1.19
N ASP A 151 -39.80 6.47 -1.18
CA ASP A 151 -41.22 6.70 -0.82
C ASP A 151 -41.51 6.37 0.67
N GLY A 152 -40.68 6.92 1.57
CA GLY A 152 -40.80 6.70 3.02
C GLY A 152 -40.31 5.34 3.53
N SER A 153 -40.00 4.39 2.59
CA SER A 153 -39.52 3.02 2.85
C SER A 153 -37.99 2.85 2.61
N GLU A 154 -37.25 2.48 3.68
CA GLU A 154 -35.80 2.30 3.61
C GLU A 154 -35.40 1.07 2.78
N LYS A 155 -34.66 1.32 1.67
CA LYS A 155 -34.20 0.28 0.74
C LYS A 155 -32.86 -0.31 1.16
N ARG A 156 -32.93 -1.47 1.85
CA ARG A 156 -31.85 -2.23 2.44
C ARG A 156 -30.75 -2.67 1.46
N ASP A 157 -31.10 -3.47 0.44
CA ASP A 157 -30.11 -3.96 -0.53
C ASP A 157 -29.99 -3.09 -1.78
N GLY A 158 -28.89 -3.28 -2.51
CA GLY A 158 -28.56 -2.54 -3.73
C GLY A 158 -28.01 -1.15 -3.48
N VAL A 159 -27.23 -0.98 -2.40
CA VAL A 159 -26.60 0.29 -2.01
C VAL A 159 -25.07 0.08 -2.07
N LEU A 160 -24.31 1.12 -2.51
CA LEU A 160 -22.85 1.03 -2.65
C LEU A 160 -22.06 2.25 -2.10
N GLN A 161 -21.98 2.38 -0.75
CA GLN A 161 -21.26 3.46 -0.06
C GLN A 161 -19.76 3.38 -0.33
N SER A 162 -19.13 4.53 -0.59
CA SER A 162 -17.70 4.69 -0.88
C SER A 162 -17.22 6.01 -0.25
N VAL A 163 -16.13 5.97 0.57
CA VAL A 163 -15.60 7.17 1.26
C VAL A 163 -14.16 7.44 0.87
N THR A 164 -13.80 8.74 0.76
CA THR A 164 -12.43 9.15 0.45
C THR A 164 -11.58 9.24 1.70
N ASP A 165 -10.28 9.49 1.51
CA ASP A 165 -9.34 9.72 2.58
C ASP A 165 -9.42 11.20 2.86
N GLN A 166 -8.86 11.63 3.97
CA GLN A 166 -8.89 13.03 4.40
C GLN A 166 -8.37 13.95 3.30
N ASP A 167 -9.14 14.99 2.95
CA ASP A 167 -8.75 15.93 1.90
C ASP A 167 -7.56 16.81 2.28
N SER A 168 -6.45 16.66 1.52
CA SER A 168 -5.17 17.36 1.63
C SER A 168 -5.25 18.86 1.97
N LYS A 169 -6.28 19.54 1.43
CA LYS A 169 -6.53 20.98 1.61
C LYS A 169 -7.22 21.34 2.96
N ASP A 170 -7.95 20.38 3.58
CA ASP A 170 -8.71 20.67 4.81
C ASP A 170 -8.86 19.51 5.79
N SER A 171 -8.44 18.29 5.41
CA SER A 171 -8.54 17.04 6.20
C SER A 171 -9.97 16.50 6.40
N THR A 172 -10.95 17.06 5.67
CA THR A 172 -12.36 16.65 5.73
C THR A 172 -12.61 15.51 4.74
N TYR A 173 -13.47 14.55 5.11
CA TYR A 173 -13.78 13.42 4.25
C TYR A 173 -14.77 13.75 3.13
N SER A 174 -15.36 12.71 2.52
CA SER A 174 -16.37 12.77 1.45
C SER A 174 -17.04 11.38 1.36
N LEU A 175 -18.29 11.30 0.82
CA LEU A 175 -19.06 10.05 0.70
C LEU A 175 -20.02 10.03 -0.48
N SER A 176 -20.00 8.93 -1.24
CA SER A 176 -20.91 8.71 -2.36
C SER A 176 -21.74 7.43 -2.11
N SER A 177 -23.08 7.54 -2.13
CA SER A 177 -23.95 6.38 -1.95
C SER A 177 -24.68 6.08 -3.24
N THR A 178 -24.40 4.90 -3.78
CA THR A 178 -24.91 4.44 -5.06
C THR A 178 -26.06 3.45 -4.88
N LEU A 179 -27.34 3.91 -5.04
CA LEU A 179 -28.49 3.01 -4.97
C LEU A 179 -28.73 2.35 -6.33
N SER A 180 -28.25 1.12 -6.48
CA SER A 180 -28.35 0.34 -7.71
C SER A 180 -29.70 -0.37 -7.83
N LEU A 181 -30.22 -0.46 -9.08
CA LEU A 181 -31.48 -1.09 -9.49
C LEU A 181 -31.76 -0.88 -11.01
N THR A 182 -32.98 -1.24 -11.48
CA THR A 182 -33.49 -1.07 -12.85
C THR A 182 -34.86 -0.36 -12.78
N LYS A 183 -35.47 -0.04 -13.94
CA LYS A 183 -36.78 0.59 -14.03
C LYS A 183 -37.88 -0.35 -13.46
N ALA A 184 -37.61 -1.69 -13.41
CA ALA A 184 -38.50 -2.75 -12.88
C ALA A 184 -39.02 -2.38 -11.49
N ASP A 185 -38.10 -1.96 -10.57
CA ASP A 185 -38.44 -1.51 -9.20
C ASP A 185 -38.46 0.03 -9.09
N TYR A 186 -37.67 0.76 -9.92
CA TYR A 186 -37.60 2.23 -9.92
C TYR A 186 -38.93 2.85 -10.34
N GLU A 187 -39.53 2.35 -11.45
CA GLU A 187 -40.80 2.88 -11.97
C GLU A 187 -42.04 2.59 -11.09
N ARG A 188 -41.82 2.02 -9.88
CA ARG A 188 -42.86 1.67 -8.89
C ARG A 188 -43.10 2.75 -7.81
N HIS A 189 -42.14 3.67 -7.60
CA HIS A 189 -42.23 4.71 -6.58
C HIS A 189 -41.95 6.09 -7.15
N ASN A 190 -42.31 7.17 -6.43
CA ASN A 190 -42.01 8.52 -6.93
C ASN A 190 -41.09 9.42 -6.09
N LEU A 191 -41.23 9.44 -4.74
CA LEU A 191 -40.38 10.27 -3.84
C LEU A 191 -39.08 9.56 -3.34
N TYR A 192 -37.91 10.15 -3.65
CA TYR A 192 -36.61 9.60 -3.29
C TYR A 192 -35.85 10.46 -2.29
N THR A 193 -35.33 9.84 -1.21
CA THR A 193 -34.61 10.50 -0.12
C THR A 193 -33.22 9.91 0.25
N CYS A 194 -32.33 10.78 0.73
CA CYS A 194 -30.97 10.44 1.15
C CYS A 194 -30.94 10.75 2.65
N GLU A 195 -30.84 9.72 3.52
CA GLU A 195 -30.83 9.89 4.98
C GLU A 195 -29.46 10.18 5.64
N VAL A 196 -29.20 11.48 5.92
CA VAL A 196 -27.97 12.01 6.54
C VAL A 196 -27.91 11.84 8.06
N THR A 197 -27.16 10.82 8.46
CA THR A 197 -26.95 10.32 9.81
C THR A 197 -25.68 10.91 10.49
N HIS A 198 -25.73 12.21 10.88
CA HIS A 198 -24.56 12.86 11.52
C HIS A 198 -24.82 13.82 12.70
N LYS A 199 -23.84 13.84 13.63
CA LYS A 199 -23.76 14.66 14.85
C LYS A 199 -23.46 16.10 14.53
N THR A 200 -22.87 16.32 13.35
CA THR A 200 -22.45 17.60 12.79
C THR A 200 -23.54 18.68 12.78
N SER A 201 -24.81 18.28 12.57
CA SER A 201 -25.96 19.20 12.60
C SER A 201 -26.94 18.88 13.74
N THR A 202 -27.83 19.87 14.04
CA THR A 202 -28.91 19.91 15.04
C THR A 202 -29.46 18.53 15.40
N ALA A 203 -29.89 17.77 14.37
CA ALA A 203 -30.39 16.41 14.48
C ALA A 203 -29.81 15.58 13.32
N ALA A 204 -30.64 15.28 12.28
CA ALA A 204 -30.30 14.52 11.07
C ALA A 204 -31.06 15.11 9.87
N ILE A 205 -30.38 15.32 8.71
CA ILE A 205 -30.99 15.93 7.50
C ILE A 205 -31.15 14.95 6.35
N VAL A 206 -31.97 15.34 5.37
CA VAL A 206 -32.28 14.63 4.16
C VAL A 206 -32.41 15.60 3.01
N LYS A 207 -32.17 15.08 1.82
CA LYS A 207 -32.38 15.80 0.59
C LYS A 207 -33.22 14.85 -0.23
N THR A 208 -34.39 15.34 -0.66
CA THR A 208 -35.41 14.59 -1.38
C THR A 208 -35.49 14.97 -2.86
N LEU A 209 -36.03 14.06 -3.70
CA LEU A 209 -36.25 14.32 -5.12
C LEU A 209 -37.37 13.41 -5.59
N ASN A 210 -38.55 14.03 -5.87
CA ASN A 210 -39.79 13.37 -6.33
C ASN A 210 -39.93 13.38 -7.86
N ARG A 211 -39.75 12.19 -8.47
CA ARG A 211 -39.77 11.82 -9.90
C ARG A 211 -40.55 12.71 -10.88
N ASN A 212 -41.78 13.10 -10.51
CA ASN A 212 -42.75 13.89 -11.29
C ASN A 212 -42.59 15.45 -11.24
N GLU A 213 -41.36 15.97 -11.45
CA GLU A 213 -41.06 17.41 -11.47
C GLU A 213 -39.94 17.76 -12.49
N GLU B 1 19.31 8.29 -7.51
CA GLU B 1 20.66 7.83 -7.80
C GLU B 1 20.78 6.33 -7.82
N VAL B 2 20.09 5.64 -6.88
CA VAL B 2 20.08 4.18 -6.68
C VAL B 2 18.77 3.56 -7.25
N GLN B 3 18.27 4.12 -8.36
CA GLN B 3 17.00 3.78 -9.03
C GLN B 3 16.77 2.30 -9.36
N LEU B 4 15.54 1.79 -9.08
CA LEU B 4 15.05 0.43 -9.36
C LEU B 4 13.75 0.46 -10.14
N VAL B 5 13.61 -0.39 -11.19
CA VAL B 5 12.41 -0.44 -12.04
C VAL B 5 11.78 -1.78 -12.36
N GLU B 6 10.71 -2.12 -11.63
CA GLU B 6 9.88 -3.32 -11.79
C GLU B 6 9.13 -3.19 -13.10
N SER B 7 9.25 -4.21 -13.97
CA SER B 7 8.64 -4.17 -15.29
C SER B 7 7.74 -5.35 -15.63
N GLY B 8 6.62 -5.03 -16.28
CA GLY B 8 5.63 -5.99 -16.77
C GLY B 8 4.82 -6.76 -15.76
N GLY B 9 3.69 -6.20 -15.37
CA GLY B 9 2.73 -6.80 -14.46
C GLY B 9 1.38 -6.95 -15.14
N GLY B 10 0.37 -6.22 -14.65
CA GLY B 10 -0.97 -6.20 -15.21
C GLY B 10 -1.80 -7.45 -14.96
N LEU B 11 -2.97 -7.53 -15.65
CA LEU B 11 -3.88 -8.66 -15.48
C LEU B 11 -3.35 -9.97 -16.01
N VAL B 12 -3.92 -11.06 -15.48
CA VAL B 12 -3.73 -12.46 -15.81
C VAL B 12 -4.94 -13.26 -15.29
N GLN B 13 -5.26 -14.38 -15.94
CA GLN B 13 -6.34 -15.24 -15.48
C GLN B 13 -5.72 -16.24 -14.50
N PRO B 14 -6.51 -16.92 -13.62
CA PRO B 14 -5.88 -17.82 -12.65
C PRO B 14 -5.03 -18.94 -13.23
N GLY B 15 -4.15 -19.47 -12.38
CA GLY B 15 -3.23 -20.56 -12.66
C GLY B 15 -2.36 -20.42 -13.90
N LYS B 16 -2.13 -19.17 -14.35
CA LYS B 16 -1.32 -18.89 -15.54
C LYS B 16 0.16 -18.69 -15.22
N SER B 17 0.84 -17.75 -15.91
CA SER B 17 2.26 -17.40 -15.71
C SER B 17 2.50 -15.88 -15.88
N LEU B 18 3.68 -15.36 -15.43
CA LEU B 18 4.09 -13.95 -15.49
C LEU B 18 5.56 -13.82 -15.09
N LYS B 19 6.33 -13.01 -15.84
CA LYS B 19 7.72 -12.73 -15.50
C LYS B 19 7.86 -11.24 -15.25
N LEU B 20 8.16 -10.90 -13.99
CA LEU B 20 8.37 -9.55 -13.46
C LEU B 20 9.86 -9.26 -13.57
N SER B 21 10.26 -8.07 -14.03
CA SER B 21 11.67 -7.80 -14.21
C SER B 21 12.20 -6.44 -13.80
N CYS B 22 12.77 -6.40 -12.62
CA CYS B 22 13.37 -5.23 -12.01
C CYS B 22 14.70 -4.89 -12.70
N GLU B 23 15.07 -3.60 -12.75
CA GLU B 23 16.34 -3.13 -13.30
C GLU B 23 17.07 -2.32 -12.25
N ALA B 24 18.34 -2.62 -12.06
CA ALA B 24 19.13 -1.89 -11.09
C ALA B 24 19.85 -0.75 -11.75
N SER B 25 20.17 0.29 -10.95
CA SER B 25 20.92 1.47 -11.36
C SER B 25 21.58 2.12 -10.15
N GLY B 26 22.79 2.63 -10.36
CA GLY B 26 23.54 3.36 -9.34
C GLY B 26 24.25 2.58 -8.27
N PHE B 27 24.45 1.27 -8.47
CA PHE B 27 25.16 0.45 -7.49
C PHE B 27 25.77 -0.82 -8.07
N THR B 28 26.70 -1.40 -7.31
CA THR B 28 27.46 -2.63 -7.57
C THR B 28 26.51 -3.87 -7.59
N PHE B 29 25.27 -3.76 -8.18
CA PHE B 29 24.25 -4.82 -8.23
C PHE B 29 24.85 -6.19 -8.29
N SER B 30 25.79 -6.37 -9.23
CA SER B 30 26.58 -7.56 -9.53
C SER B 30 26.82 -8.38 -8.25
N GLY B 31 27.22 -7.69 -7.18
CA GLY B 31 27.49 -8.27 -5.86
C GLY B 31 26.65 -7.74 -4.72
N TYR B 32 25.32 -7.73 -4.90
CA TYR B 32 24.35 -7.30 -3.88
C TYR B 32 23.15 -8.21 -3.87
N GLY B 33 22.84 -8.78 -2.71
CA GLY B 33 21.68 -9.64 -2.55
C GLY B 33 20.40 -8.87 -2.80
N MET B 34 19.44 -9.50 -3.46
CA MET B 34 18.21 -8.80 -3.76
C MET B 34 16.97 -9.49 -3.29
N HIS B 35 15.93 -8.70 -2.97
CA HIS B 35 14.63 -9.17 -2.49
C HIS B 35 13.57 -8.80 -3.51
N TRP B 36 12.42 -9.46 -3.40
CA TRP B 36 11.21 -9.21 -4.13
C TRP B 36 10.17 -9.11 -3.03
N VAL B 37 9.44 -8.00 -2.97
CA VAL B 37 8.44 -7.79 -1.91
C VAL B 37 7.10 -7.41 -2.52
N ARG B 38 5.99 -7.80 -1.87
CA ARG B 38 4.67 -7.44 -2.35
C ARG B 38 3.79 -6.81 -1.31
N GLN B 39 2.88 -5.98 -1.78
CA GLN B 39 1.89 -5.37 -0.94
C GLN B 39 0.61 -5.83 -1.57
N ALA B 40 -0.02 -6.81 -0.91
CA ALA B 40 -1.28 -7.41 -1.31
C ALA B 40 -2.41 -6.53 -0.79
N PRO B 41 -3.02 -5.64 -1.64
CA PRO B 41 -4.04 -4.72 -1.13
C PRO B 41 -4.97 -5.22 -0.04
N GLY B 42 -5.03 -4.44 1.05
CA GLY B 42 -5.81 -4.69 2.25
C GLY B 42 -5.11 -5.62 3.22
N ARG B 43 -4.80 -6.84 2.69
CA ARG B 43 -4.07 -7.94 3.32
C ARG B 43 -2.65 -7.56 3.85
N GLY B 44 -2.11 -6.40 3.39
CA GLY B 44 -0.83 -5.81 3.82
C GLY B 44 0.42 -6.12 3.02
N LEU B 45 1.58 -5.90 3.66
CA LEU B 45 2.90 -6.14 3.08
C LEU B 45 3.34 -7.58 3.31
N GLU B 46 4.17 -8.13 2.39
CA GLU B 46 4.70 -9.49 2.44
C GLU B 46 6.04 -9.60 1.73
N SER B 47 6.97 -10.38 2.29
CA SER B 47 8.24 -10.63 1.61
C SER B 47 7.93 -11.78 0.68
N VAL B 48 8.50 -11.82 -0.55
CA VAL B 48 8.21 -12.85 -1.57
C VAL B 48 9.37 -13.81 -1.77
N ALA B 49 10.54 -13.28 -2.13
CA ALA B 49 11.75 -14.04 -2.37
C ALA B 49 12.98 -13.22 -2.10
N TYR B 50 14.11 -13.89 -1.88
CA TYR B 50 15.42 -13.28 -1.69
C TYR B 50 16.44 -14.13 -2.42
N ILE B 51 17.35 -13.49 -3.16
CA ILE B 51 18.42 -14.16 -3.92
C ILE B 51 19.73 -13.45 -3.64
N THR B 52 20.76 -14.24 -3.29
CA THR B 52 22.09 -13.73 -2.98
C THR B 52 22.81 -13.08 -4.16
N SER B 53 23.94 -12.43 -3.90
CA SER B 53 24.76 -11.75 -4.89
C SER B 53 25.18 -12.68 -6.03
N SER B 54 25.58 -13.91 -5.70
CA SER B 54 26.03 -14.91 -6.65
C SER B 54 24.98 -15.95 -7.04
N SER B 55 23.72 -15.78 -6.57
CA SER B 55 22.58 -16.67 -6.82
C SER B 55 22.75 -18.05 -6.15
N ILE B 56 23.66 -18.14 -5.14
CA ILE B 56 24.02 -19.36 -4.39
C ILE B 56 22.92 -19.85 -3.45
N ASN B 57 22.26 -18.91 -2.77
CA ASN B 57 21.16 -19.16 -1.87
C ASN B 57 19.98 -18.25 -2.18
N ILE B 58 18.84 -18.91 -2.37
CA ILE B 58 17.54 -18.38 -2.72
C ILE B 58 16.61 -18.75 -1.58
N LYS B 59 15.78 -17.82 -1.13
CA LYS B 59 14.85 -18.01 -0.03
C LYS B 59 13.47 -17.51 -0.45
N TYR B 60 12.43 -18.37 -0.35
CA TYR B 60 11.06 -18.03 -0.73
C TYR B 60 10.16 -17.95 0.46
N ALA B 61 9.13 -17.12 0.36
CA ALA B 61 8.14 -17.04 1.41
C ALA B 61 7.21 -18.19 1.18
N ASP B 62 6.86 -18.85 2.28
CA ASP B 62 6.02 -20.04 2.38
C ASP B 62 4.83 -20.08 1.42
N ALA B 63 4.11 -18.95 1.29
CA ALA B 63 2.93 -18.82 0.43
C ALA B 63 3.19 -19.13 -1.03
N VAL B 64 4.33 -18.66 -1.56
CA VAL B 64 4.70 -18.86 -2.96
C VAL B 64 5.66 -20.02 -3.19
N LYS B 65 6.37 -20.44 -2.12
CA LYS B 65 7.29 -21.59 -2.12
C LYS B 65 6.72 -22.63 -3.08
N GLY B 66 7.39 -22.78 -4.20
CA GLY B 66 6.92 -23.69 -5.22
C GLY B 66 6.66 -22.97 -6.51
N ARG B 67 5.39 -22.58 -6.75
CA ARG B 67 4.92 -21.93 -7.99
C ARG B 67 5.75 -20.72 -8.53
N PHE B 68 6.45 -19.99 -7.63
CA PHE B 68 7.27 -18.83 -7.96
C PHE B 68 8.75 -19.20 -7.98
N THR B 69 9.54 -18.48 -8.80
CA THR B 69 10.97 -18.74 -8.94
C THR B 69 11.83 -17.52 -9.32
N VAL B 70 12.56 -16.95 -8.32
CA VAL B 70 13.46 -15.79 -8.51
C VAL B 70 14.75 -16.19 -9.22
N SER B 71 15.32 -15.25 -9.99
CA SER B 71 16.53 -15.42 -10.80
C SER B 71 17.20 -14.08 -11.05
N ARG B 72 18.46 -14.10 -11.47
CA ARG B 72 19.15 -12.85 -11.75
C ARG B 72 20.24 -12.93 -12.82
N ASP B 73 20.42 -11.83 -13.56
CA ASP B 73 21.43 -11.62 -14.60
C ASP B 73 22.30 -10.49 -14.08
N ASN B 74 23.54 -10.80 -13.68
CA ASN B 74 24.41 -9.77 -13.12
C ASN B 74 25.09 -8.83 -14.15
N ALA B 75 24.95 -9.16 -15.44
CA ALA B 75 25.52 -8.40 -16.57
C ALA B 75 24.62 -7.25 -16.97
N LYS B 76 23.33 -7.56 -17.09
CA LYS B 76 22.30 -6.61 -17.48
C LYS B 76 21.56 -6.05 -16.25
N ASN B 77 22.05 -6.38 -15.03
CA ASN B 77 21.51 -5.96 -13.74
C ASN B 77 19.99 -6.12 -13.69
N LEU B 78 19.55 -7.36 -13.75
CA LEU B 78 18.14 -7.69 -13.78
C LEU B 78 17.72 -8.73 -12.78
N LEU B 79 16.63 -8.44 -12.10
CA LEU B 79 16.04 -9.35 -11.15
C LEU B 79 14.69 -9.75 -11.69
N PHE B 80 14.47 -11.05 -11.83
CA PHE B 80 13.23 -11.56 -12.38
C PHE B 80 12.50 -12.39 -11.41
N LEU B 81 11.20 -12.31 -11.45
CA LEU B 81 10.38 -13.16 -10.63
C LEU B 81 9.56 -13.96 -11.62
N GLN B 82 9.67 -15.29 -11.53
CA GLN B 82 8.95 -16.20 -12.42
C GLN B 82 7.75 -16.84 -11.70
N MET B 83 6.62 -16.12 -11.74
CA MET B 83 5.36 -16.54 -11.12
C MET B 83 4.61 -17.42 -12.10
N ASN B 84 4.12 -18.59 -11.64
CA ASN B 84 3.31 -19.54 -12.40
C ASN B 84 2.20 -19.96 -11.45
N ILE B 85 1.23 -20.79 -11.90
CA ILE B 85 0.12 -21.31 -11.06
C ILE B 85 -0.44 -20.25 -10.06
N LEU B 86 -0.67 -19.06 -10.59
CA LEU B 86 -1.16 -17.88 -9.87
C LEU B 86 -2.53 -18.05 -9.24
N LYS B 87 -2.69 -17.46 -8.03
CA LYS B 87 -3.96 -17.46 -7.28
C LYS B 87 -4.44 -16.01 -7.19
N SER B 88 -5.55 -15.78 -6.48
CA SER B 88 -6.13 -14.45 -6.20
C SER B 88 -5.42 -13.83 -4.95
N GLU B 89 -4.55 -14.63 -4.31
CA GLU B 89 -3.70 -14.27 -3.16
C GLU B 89 -2.56 -13.47 -3.78
N ASP B 90 -2.04 -14.00 -4.90
CA ASP B 90 -0.99 -13.43 -5.72
C ASP B 90 -1.41 -12.12 -6.45
N THR B 91 -2.65 -11.59 -6.18
CA THR B 91 -3.16 -10.31 -6.71
C THR B 91 -2.64 -9.26 -5.74
N ALA B 92 -1.54 -8.57 -6.14
CA ALA B 92 -0.84 -7.60 -5.29
C ALA B 92 0.08 -6.70 -6.08
N MET B 93 0.62 -5.66 -5.44
CA MET B 93 1.63 -4.89 -6.13
C MET B 93 2.96 -5.41 -5.66
N TYR B 94 3.89 -5.58 -6.61
CA TYR B 94 5.21 -6.14 -6.37
C TYR B 94 6.29 -5.11 -6.60
N TYR B 95 7.20 -4.99 -5.61
CA TYR B 95 8.37 -4.12 -5.62
C TYR B 95 9.60 -5.02 -5.48
N CYS B 96 10.71 -4.66 -6.12
CA CYS B 96 11.98 -5.36 -5.97
C CYS B 96 12.84 -4.44 -5.10
N ALA B 97 13.67 -5.02 -4.21
CA ALA B 97 14.41 -4.17 -3.28
C ALA B 97 15.78 -4.63 -2.86
N ARG B 98 16.61 -3.64 -2.48
CA ARG B 98 17.93 -3.84 -1.88
C ARG B 98 17.75 -3.48 -0.42
N PHE B 99 17.96 -4.47 0.45
CA PHE B 99 17.79 -4.25 1.86
C PHE B 99 19.15 -4.16 2.51
N ASP B 100 19.54 -2.96 2.95
CA ASP B 100 20.80 -2.77 3.67
C ASP B 100 20.50 -2.90 5.17
N TRP B 101 21.50 -2.63 6.02
CA TRP B 101 21.34 -2.66 7.47
C TRP B 101 20.67 -1.40 8.01
N ASP B 102 20.86 -0.25 7.31
CA ASP B 102 20.40 1.11 7.63
C ASP B 102 19.63 1.79 6.49
N LYS B 103 19.82 1.33 5.24
CA LYS B 103 19.21 1.85 4.01
C LYS B 103 18.11 0.91 3.48
N ASN B 104 17.33 1.38 2.54
CA ASN B 104 16.25 0.59 1.95
C ASN B 104 15.94 1.02 0.55
N TYR B 105 16.23 0.18 -0.43
CA TYR B 105 15.92 0.63 -1.78
C TYR B 105 14.78 -0.09 -2.43
N TRP B 106 13.67 0.64 -2.60
CA TRP B 106 12.46 0.13 -3.23
C TRP B 106 12.31 0.78 -4.58
N GLY B 107 11.71 0.04 -5.48
CA GLY B 107 11.40 0.55 -6.81
C GLY B 107 9.98 1.07 -6.81
N GLN B 108 9.52 1.56 -7.97
CA GLN B 108 8.16 2.10 -8.13
C GLN B 108 7.08 0.99 -8.03
N GLY B 109 7.45 -0.20 -8.47
CA GLY B 109 6.60 -1.37 -8.42
C GLY B 109 5.62 -1.51 -9.56
N THR B 110 5.31 -2.77 -9.89
CA THR B 110 4.32 -3.11 -10.92
C THR B 110 3.17 -3.88 -10.27
N MET B 111 1.93 -3.47 -10.61
CA MET B 111 0.70 -3.99 -10.06
C MET B 111 0.16 -5.19 -10.80
N VAL B 112 0.24 -6.38 -10.15
CA VAL B 112 -0.24 -7.64 -10.73
C VAL B 112 -1.63 -8.04 -10.18
N THR B 113 -2.60 -8.16 -11.10
CA THR B 113 -4.00 -8.47 -10.79
C THR B 113 -4.39 -9.84 -11.38
N VAL B 114 -4.81 -10.81 -10.52
CA VAL B 114 -5.19 -12.19 -10.92
C VAL B 114 -6.69 -12.46 -10.73
N SER B 115 -7.46 -12.41 -11.84
CA SER B 115 -8.89 -12.71 -11.85
C SER B 115 -9.32 -13.39 -13.13
N SER B 116 -10.28 -14.33 -12.98
CA SER B 116 -10.90 -15.09 -14.06
C SER B 116 -11.76 -14.18 -14.96
N ALA B 117 -12.03 -12.94 -14.48
CA ALA B 117 -12.83 -11.92 -15.15
C ALA B 117 -12.19 -11.35 -16.43
N LYS B 118 -13.09 -10.99 -17.36
CA LYS B 118 -12.84 -10.44 -18.69
C LYS B 118 -12.80 -8.92 -18.66
N THR B 119 -11.98 -8.29 -19.53
CA THR B 119 -11.90 -6.83 -19.62
C THR B 119 -13.20 -6.18 -20.09
N THR B 120 -13.79 -5.33 -19.22
CA THR B 120 -15.06 -4.62 -19.47
C THR B 120 -14.91 -3.09 -19.53
N ALA B 121 -15.48 -2.50 -20.59
CA ALA B 121 -15.53 -1.06 -20.82
C ALA B 121 -16.58 -0.46 -19.86
N PRO B 122 -16.49 0.82 -19.46
CA PRO B 122 -17.46 1.36 -18.51
C PRO B 122 -18.61 2.20 -19.07
N SER B 123 -19.69 2.19 -18.32
CA SER B 123 -20.90 2.95 -18.59
C SER B 123 -20.71 4.32 -17.95
N VAL B 124 -20.73 5.39 -18.76
CA VAL B 124 -20.55 6.75 -18.22
C VAL B 124 -21.82 7.58 -18.29
N TYR B 125 -22.37 7.91 -17.13
CA TYR B 125 -23.62 8.64 -17.02
C TYR B 125 -23.46 9.95 -16.24
N PRO B 126 -24.04 11.10 -16.68
CA PRO B 126 -23.93 12.37 -15.91
C PRO B 126 -24.87 12.47 -14.71
N LEU B 127 -24.74 13.55 -13.89
CA LEU B 127 -25.59 13.77 -12.71
C LEU B 127 -25.90 15.28 -12.48
N ALA B 128 -27.21 15.65 -12.38
CA ALA B 128 -27.78 17.00 -12.13
C ALA B 128 -29.30 16.89 -11.83
N PRO B 129 -29.91 17.73 -10.93
CA PRO B 129 -31.35 17.54 -10.60
C PRO B 129 -32.36 18.47 -11.30
N ALA B 130 -33.66 18.35 -10.94
CA ALA B 130 -34.75 19.17 -11.50
C ALA B 130 -35.92 19.46 -10.51
N CYS B 131 -36.15 18.55 -9.50
CA CYS B 131 -37.19 18.65 -8.47
C CYS B 131 -36.69 19.51 -7.31
N ASP B 132 -35.95 18.89 -6.35
CA ASP B 132 -35.33 19.60 -5.23
C ASP B 132 -33.91 20.03 -5.65
N SER B 133 -33.89 20.86 -6.70
CA SER B 133 -32.74 21.52 -7.30
C SER B 133 -32.90 23.02 -6.93
N THR B 134 -33.25 23.25 -5.64
CA THR B 134 -33.52 24.54 -5.00
C THR B 134 -32.37 25.54 -5.17
N THR B 135 -32.56 26.48 -6.14
CA THR B 135 -31.66 27.56 -6.59
C THR B 135 -30.16 27.20 -6.63
N SER B 136 -29.49 27.31 -5.45
CA SER B 136 -28.06 27.07 -5.21
C SER B 136 -27.81 26.91 -3.69
N THR B 137 -27.18 25.77 -3.26
CA THR B 137 -26.87 25.39 -1.86
C THR B 137 -26.54 26.59 -0.94
N THR B 138 -25.53 27.38 -1.35
CA THR B 138 -25.02 28.63 -0.74
C THR B 138 -24.49 29.48 -1.92
N ASN B 139 -24.89 29.07 -3.14
CA ASN B 139 -24.54 29.50 -4.51
C ASN B 139 -23.51 28.50 -5.05
N THR B 140 -23.93 27.22 -5.19
CA THR B 140 -23.07 26.13 -5.64
C THR B 140 -23.79 24.96 -6.26
N VAL B 141 -23.49 24.75 -7.52
CA VAL B 141 -24.01 23.61 -8.26
C VAL B 141 -23.01 22.47 -8.12
N THR B 142 -23.46 21.41 -7.46
CA THR B 142 -22.70 20.19 -7.26
C THR B 142 -23.07 19.28 -8.44
N LEU B 143 -22.09 18.77 -9.19
CA LEU B 143 -22.35 17.92 -10.36
C LEU B 143 -21.56 16.62 -10.30
N GLY B 144 -22.18 15.55 -10.75
CA GLY B 144 -21.56 14.25 -10.69
C GLY B 144 -21.25 13.59 -12.01
N CYS B 145 -20.63 12.42 -11.91
CA CYS B 145 -20.25 11.57 -13.01
C CYS B 145 -20.26 10.15 -12.51
N LEU B 146 -21.00 9.29 -13.18
CA LEU B 146 -21.06 7.90 -12.77
C LEU B 146 -20.37 7.00 -13.75
N VAL B 147 -19.57 6.08 -13.22
CA VAL B 147 -18.82 5.11 -14.01
C VAL B 147 -19.28 3.72 -13.59
N LYS B 148 -20.28 3.17 -14.31
CA LYS B 148 -20.84 1.83 -14.03
C LYS B 148 -20.10 0.74 -14.84
N GLY B 149 -20.02 -0.45 -14.25
CA GLY B 149 -19.44 -1.68 -14.79
C GLY B 149 -18.17 -1.58 -15.60
N TYR B 150 -17.01 -1.67 -14.93
CA TYR B 150 -15.71 -1.68 -15.58
C TYR B 150 -14.76 -2.60 -14.86
N PHE B 151 -13.90 -3.24 -15.64
CA PHE B 151 -12.88 -4.14 -15.16
C PHE B 151 -11.79 -4.29 -16.23
N PRO B 152 -10.52 -4.24 -15.83
CA PRO B 152 -10.01 -4.06 -14.47
C PRO B 152 -9.68 -2.60 -14.13
N GLU B 153 -9.20 -2.38 -12.90
CA GLU B 153 -8.76 -1.10 -12.36
C GLU B 153 -7.53 -0.59 -13.15
N PRO B 154 -7.29 0.73 -13.27
CA PRO B 154 -8.02 1.86 -12.72
C PRO B 154 -8.86 2.57 -13.78
N VAL B 155 -9.25 3.82 -13.50
CA VAL B 155 -10.02 4.70 -14.40
C VAL B 155 -9.80 6.15 -13.93
N THR B 156 -9.47 7.06 -14.87
CA THR B 156 -9.18 8.46 -14.54
C THR B 156 -10.35 9.35 -14.84
N VAL B 157 -10.72 10.17 -13.86
CA VAL B 157 -11.81 11.10 -14.03
C VAL B 157 -11.32 12.52 -14.09
N ILE B 158 -11.37 13.12 -15.29
CA ILE B 158 -10.97 14.50 -15.48
C ILE B 158 -12.17 15.40 -15.65
N TRP B 159 -12.33 16.31 -14.72
CA TRP B 159 -13.42 17.26 -14.78
C TRP B 159 -12.96 18.45 -15.55
N ASN B 160 -13.74 18.83 -16.59
CA ASN B 160 -13.46 19.88 -17.57
C ASN B 160 -12.09 19.69 -18.26
N SER B 161 -11.82 18.42 -18.61
CA SER B 161 -10.61 17.92 -19.26
C SER B 161 -9.32 18.18 -18.46
N GLY B 162 -9.46 18.19 -17.13
CA GLY B 162 -8.36 18.39 -16.20
C GLY B 162 -8.17 19.81 -15.70
N ALA B 163 -8.81 20.79 -16.35
CA ALA B 163 -8.73 22.21 -16.01
C ALA B 163 -9.29 22.49 -14.63
N LEU B 164 -10.60 22.27 -14.51
CA LEU B 164 -11.37 22.42 -13.29
C LEU B 164 -11.04 21.21 -12.41
N THR B 165 -10.25 21.49 -11.37
CA THR B 165 -9.76 20.51 -10.39
C THR B 165 -9.96 21.09 -9.01
N SER B 166 -10.45 22.35 -9.04
CA SER B 166 -10.82 23.18 -7.92
C SER B 166 -12.16 22.58 -7.37
N GLY B 167 -12.10 22.02 -6.15
CA GLY B 167 -13.25 21.43 -5.47
C GLY B 167 -13.89 20.23 -6.14
N VAL B 168 -13.09 19.25 -6.52
CA VAL B 168 -13.57 18.02 -7.13
C VAL B 168 -13.43 16.89 -6.08
N HIS B 169 -14.20 15.79 -6.21
CA HIS B 169 -14.18 14.63 -5.30
C HIS B 169 -14.44 13.33 -6.06
N THR B 170 -13.42 12.48 -6.20
CA THR B 170 -13.58 11.21 -6.91
C THR B 170 -13.40 10.02 -5.96
N PHE B 171 -14.51 9.53 -5.45
CA PHE B 171 -14.62 8.44 -4.49
C PHE B 171 -14.04 7.15 -5.03
N PRO B 172 -13.47 6.27 -4.18
CA PRO B 172 -12.85 5.03 -4.71
C PRO B 172 -13.79 4.01 -5.38
N SER B 173 -13.18 3.02 -6.09
CA SER B 173 -13.85 1.95 -6.83
C SER B 173 -14.55 0.96 -5.91
N VAL B 174 -15.83 0.70 -6.19
CA VAL B 174 -16.65 -0.25 -5.42
C VAL B 174 -16.88 -1.52 -6.26
N LEU B 175 -16.17 -2.63 -5.93
CA LEU B 175 -16.38 -3.88 -6.69
C LEU B 175 -17.68 -4.56 -6.31
N HIS B 176 -18.60 -4.62 -7.28
CA HIS B 176 -19.86 -5.33 -7.12
C HIS B 176 -20.24 -6.16 -8.33
N SER B 177 -20.44 -7.46 -8.10
CA SER B 177 -20.74 -8.48 -9.11
C SER B 177 -19.53 -8.59 -10.05
N GLY B 178 -18.33 -8.65 -9.43
CA GLY B 178 -17.04 -8.75 -10.11
C GLY B 178 -16.62 -7.55 -10.95
N LEU B 179 -17.40 -6.44 -10.88
CA LEU B 179 -17.18 -5.19 -11.62
C LEU B 179 -17.18 -3.92 -10.75
N TYR B 180 -16.08 -3.14 -10.84
CA TYR B 180 -15.89 -1.90 -10.10
C TYR B 180 -16.77 -0.82 -10.69
N SER B 181 -17.07 0.21 -9.88
CA SER B 181 -17.88 1.35 -10.25
C SER B 181 -17.53 2.57 -9.41
N LEU B 182 -17.38 3.74 -10.03
CA LEU B 182 -17.07 4.92 -9.24
C LEU B 182 -17.86 6.15 -9.53
N SER B 183 -17.87 7.06 -8.54
CA SER B 183 -18.61 8.31 -8.52
C SER B 183 -17.65 9.51 -8.44
N SER B 184 -18.07 10.68 -9.00
CA SER B 184 -17.23 11.89 -8.99
C SER B 184 -17.96 13.24 -8.91
N SER B 185 -17.85 13.89 -7.74
CA SER B 185 -18.42 15.21 -7.45
C SER B 185 -17.52 16.31 -7.99
N VAL B 186 -18.13 17.34 -8.55
CA VAL B 186 -17.46 18.54 -9.00
C VAL B 186 -18.32 19.72 -8.55
N THR B 187 -17.73 20.70 -7.88
CA THR B 187 -18.55 21.81 -7.42
C THR B 187 -18.04 23.17 -7.85
N VAL B 188 -18.89 23.91 -8.55
CA VAL B 188 -18.67 25.27 -9.04
C VAL B 188 -19.91 26.11 -8.63
N PRO B 189 -19.84 27.48 -8.58
CA PRO B 189 -21.06 28.25 -8.24
C PRO B 189 -22.08 28.22 -9.40
N SER B 190 -23.36 28.63 -9.17
CA SER B 190 -24.39 28.64 -10.24
C SER B 190 -24.06 29.60 -11.40
N SER B 191 -23.09 30.51 -11.17
CA SER B 191 -22.57 31.50 -12.11
C SER B 191 -21.76 30.80 -13.24
N THR B 192 -21.10 29.68 -12.89
CA THR B 192 -20.28 28.83 -13.77
C THR B 192 -21.14 27.87 -14.64
N TRP B 193 -22.23 27.29 -14.08
CA TRP B 193 -23.09 26.32 -14.78
C TRP B 193 -24.61 26.62 -14.68
N PRO B 194 -25.43 26.39 -15.74
CA PRO B 194 -25.12 25.82 -17.08
C PRO B 194 -24.39 26.73 -18.06
N SER B 195 -24.09 27.96 -17.60
CA SER B 195 -23.41 29.05 -18.30
C SER B 195 -22.19 28.57 -19.11
N GLN B 196 -21.31 27.76 -18.48
CA GLN B 196 -20.09 27.19 -19.09
C GLN B 196 -20.12 25.67 -19.24
N THR B 197 -19.22 25.15 -20.07
CA THR B 197 -19.07 23.74 -20.31
C THR B 197 -18.34 23.09 -19.13
N VAL B 198 -19.02 22.16 -18.46
CA VAL B 198 -18.52 21.37 -17.34
C VAL B 198 -18.57 19.95 -17.86
N THR B 199 -17.53 19.58 -18.60
CA THR B 199 -17.42 18.28 -19.24
C THR B 199 -16.70 17.25 -18.36
N CYS B 200 -17.26 16.05 -18.23
CA CYS B 200 -16.63 15.03 -17.42
C CYS B 200 -15.88 14.09 -18.31
N ASN B 201 -14.55 14.10 -18.27
CA ASN B 201 -13.77 13.22 -19.12
C ASN B 201 -13.28 11.96 -18.40
N VAL B 202 -14.01 10.85 -18.58
CA VAL B 202 -13.69 9.53 -18.00
C VAL B 202 -12.76 8.77 -18.94
N ALA B 203 -11.65 8.25 -18.41
CA ALA B 203 -10.71 7.50 -19.23
C ALA B 203 -10.29 6.17 -18.62
N HIS B 204 -10.55 5.06 -19.34
CA HIS B 204 -10.23 3.70 -18.93
C HIS B 204 -8.98 3.25 -19.67
N PRO B 205 -8.07 2.51 -18.99
CA PRO B 205 -6.86 2.04 -19.68
C PRO B 205 -7.10 0.81 -20.58
N ALA B 206 -7.61 -0.30 -19.98
CA ALA B 206 -7.84 -1.60 -20.62
C ALA B 206 -8.71 -1.56 -21.86
N SER B 207 -9.99 -1.15 -21.71
CA SER B 207 -10.94 -1.04 -22.81
C SER B 207 -10.55 0.12 -23.72
N SER B 208 -9.61 0.97 -23.25
CA SER B 208 -9.09 2.16 -23.91
C SER B 208 -10.24 2.98 -24.45
N THR B 209 -11.14 3.35 -23.53
CA THR B 209 -12.34 4.12 -23.81
C THR B 209 -12.18 5.48 -23.13
N THR B 210 -12.44 6.58 -23.86
CA THR B 210 -12.35 7.92 -23.31
C THR B 210 -13.63 8.71 -23.58
N VAL B 211 -14.53 8.65 -22.59
CA VAL B 211 -15.81 9.34 -22.62
C VAL B 211 -15.55 10.78 -22.22
N ASP B 212 -16.44 11.71 -22.61
CA ASP B 212 -16.33 13.14 -22.28
C ASP B 212 -17.74 13.75 -22.06
N LEU B 213 -18.64 13.04 -21.33
CA LEU B 213 -20.02 13.52 -21.13
C LEU B 213 -20.24 14.80 -20.28
N LYS B 214 -20.76 15.86 -20.94
CA LYS B 214 -21.11 17.13 -20.31
C LYS B 214 -22.47 16.93 -19.62
N ILE B 215 -22.85 17.84 -18.70
CA ILE B 215 -24.14 17.73 -17.97
C ILE B 215 -25.29 18.63 -18.57
N GLU B 216 -26.58 18.30 -18.31
CA GLU B 216 -27.77 18.95 -18.86
C GLU B 216 -28.55 19.97 -17.99
N ASP C 1 12.46 -26.12 -4.64
CA ASP C 1 13.22 -25.80 -3.43
C ASP C 1 14.76 -25.84 -3.66
N ASP C 2 15.54 -25.10 -2.82
CA ASP C 2 17.02 -25.00 -2.86
C ASP C 2 17.71 -25.28 -1.48
N ALA C 3 19.04 -25.53 -1.53
CA ALA C 3 19.89 -25.76 -0.36
C ALA C 3 20.20 -24.41 0.31
N GLU C 4 20.23 -24.38 1.67
CA GLU C 4 20.47 -23.17 2.46
C GLU C 4 21.94 -22.71 2.63
N ASN C 5 22.26 -22.19 3.83
CA ASN C 5 23.53 -21.57 4.22
C ASN C 5 24.52 -22.61 4.78
N ILE C 6 25.68 -22.78 4.12
CA ILE C 6 26.69 -23.76 4.55
C ILE C 6 27.45 -23.39 5.85
N GLU C 7 28.68 -23.96 6.11
CA GLU C 7 29.53 -23.67 7.29
C GLU C 7 31.00 -23.27 6.99
N TYR C 8 31.67 -22.64 7.98
CA TYR C 8 33.01 -22.03 7.91
C TYR C 8 34.15 -22.88 7.46
N LYS C 9 35.16 -22.24 6.78
CA LYS C 9 36.41 -22.84 6.30
C LYS C 9 37.63 -22.08 6.79
N VAL C 10 38.31 -22.65 7.77
CA VAL C 10 39.51 -22.10 8.38
C VAL C 10 40.76 -22.69 7.75
N SER C 11 41.41 -21.87 6.93
CA SER C 11 42.65 -22.20 6.24
C SER C 11 43.76 -21.50 7.03
N ILE C 12 44.95 -22.12 7.19
CA ILE C 12 46.06 -21.50 7.95
C ILE C 12 47.38 -21.59 7.16
N SER C 13 48.07 -20.46 6.98
CA SER C 13 49.34 -20.46 6.25
C SER C 13 50.45 -19.72 6.99
N GLY C 14 50.97 -20.37 8.01
CA GLY C 14 52.02 -19.82 8.85
C GLY C 14 51.62 -18.58 9.62
N THR C 15 51.99 -17.40 9.09
CA THR C 15 51.70 -16.09 9.70
C THR C 15 50.20 -15.91 9.84
N SER C 16 49.49 -16.06 8.69
CA SER C 16 48.05 -15.88 8.49
C SER C 16 47.13 -17.07 8.78
N VAL C 17 45.83 -16.76 8.99
CA VAL C 17 44.74 -17.69 9.20
C VAL C 17 43.55 -17.11 8.40
N GLU C 18 43.18 -17.73 7.25
CA GLU C 18 42.03 -17.28 6.42
C GLU C 18 40.74 -17.83 7.01
N LEU C 19 39.63 -17.12 6.78
CA LEU C 19 38.36 -17.52 7.33
C LEU C 19 37.22 -17.45 6.35
N THR C 20 37.10 -18.47 5.50
CA THR C 20 36.03 -18.56 4.51
C THR C 20 34.71 -18.73 5.27
N CYS C 21 33.83 -17.74 5.10
CA CYS C 21 32.50 -17.63 5.71
C CYS C 21 31.47 -18.58 5.05
N PRO C 22 30.41 -19.03 5.78
CA PRO C 22 29.43 -19.94 5.18
C PRO C 22 28.49 -19.32 4.16
N LEU C 23 28.36 -17.99 4.19
CA LEU C 23 27.40 -17.25 3.37
C LEU C 23 27.79 -16.96 1.91
N ASP C 24 27.39 -15.79 1.40
CA ASP C 24 27.66 -15.34 0.04
C ASP C 24 28.58 -14.13 0.13
N SER C 25 28.87 -13.45 -1.01
CA SER C 25 29.74 -12.26 -1.02
C SER C 25 28.98 -11.00 -0.55
N ASP C 26 27.72 -10.88 -1.01
CA ASP C 26 26.69 -9.89 -0.69
C ASP C 26 26.99 -8.41 -0.51
N GLU C 27 28.25 -8.04 -0.14
CA GLU C 27 28.75 -6.69 0.09
C GLU C 27 28.13 -6.05 1.30
N ASN C 28 26.85 -6.32 1.55
CA ASN C 28 26.09 -5.84 2.69
C ASN C 28 26.41 -6.73 3.90
N LEU C 29 27.28 -7.74 3.70
CA LEU C 29 27.72 -8.69 4.70
C LEU C 29 28.41 -8.02 5.90
N LYS C 30 28.09 -8.47 7.13
CA LYS C 30 28.69 -7.96 8.36
C LYS C 30 29.51 -9.07 9.03
N TRP C 31 30.72 -8.72 9.48
CA TRP C 31 31.64 -9.64 10.15
C TRP C 31 31.77 -9.20 11.62
N GLU C 32 31.61 -10.12 12.57
CA GLU C 32 31.69 -9.73 13.97
C GLU C 32 32.62 -10.60 14.80
N LYS C 33 33.75 -10.02 15.21
CA LYS C 33 34.74 -10.67 16.07
C LYS C 33 34.28 -10.49 17.51
N ASN C 34 33.39 -11.40 17.95
CA ASN C 34 32.80 -11.44 19.30
C ASN C 34 32.25 -10.09 19.84
N GLY C 35 31.00 -9.81 19.47
CA GLY C 35 30.29 -8.60 19.87
C GLY C 35 30.75 -7.34 19.13
N GLN C 36 32.06 -7.07 19.18
CA GLN C 36 32.72 -5.96 18.52
C GLN C 36 32.68 -6.22 16.98
N GLU C 37 31.98 -5.36 16.23
CA GLU C 37 31.87 -5.53 14.78
C GLU C 37 33.17 -5.20 14.06
N LEU C 38 33.31 -5.71 12.83
CA LEU C 38 34.51 -5.48 12.02
C LEU C 38 34.43 -4.33 11.01
N PRO C 39 35.35 -3.35 11.20
CA PRO C 39 35.37 -2.13 10.35
C PRO C 39 35.46 -2.34 8.86
N GLN C 40 34.36 -2.05 8.19
CA GLN C 40 34.11 -2.22 6.76
C GLN C 40 34.79 -3.47 6.11
N LYS C 41 34.80 -4.60 6.88
CA LYS C 41 35.26 -5.92 6.44
C LYS C 41 34.03 -6.60 5.82
N HIS C 42 34.10 -6.92 4.50
CA HIS C 42 32.92 -7.41 3.77
C HIS C 42 32.99 -8.66 2.91
N ASP C 43 34.18 -9.13 2.47
CA ASP C 43 34.13 -10.37 1.65
C ASP C 43 34.03 -11.61 2.55
N LYS C 44 33.54 -12.72 1.95
CA LYS C 44 33.37 -14.04 2.55
C LYS C 44 34.69 -14.53 3.18
N HIS C 45 35.83 -13.97 2.73
CA HIS C 45 37.18 -14.31 3.16
C HIS C 45 37.79 -13.23 4.00
N LEU C 46 38.21 -13.60 5.20
CA LEU C 46 38.79 -12.73 6.20
C LEU C 46 40.22 -13.21 6.39
N VAL C 47 41.22 -12.34 6.18
CA VAL C 47 42.61 -12.76 6.41
C VAL C 47 43.20 -12.13 7.64
N LEU C 48 43.22 -12.91 8.72
CA LEU C 48 43.71 -12.54 10.04
C LEU C 48 45.22 -12.67 10.08
N GLN C 49 45.90 -11.75 9.38
CA GLN C 49 47.34 -11.70 9.26
C GLN C 49 48.05 -11.61 10.58
N ASP C 50 49.05 -12.47 10.76
CA ASP C 50 49.85 -12.61 11.97
C ASP C 50 49.03 -12.86 13.23
N PHE C 51 48.33 -13.97 13.18
CA PHE C 51 47.42 -14.46 14.19
C PHE C 51 48.08 -14.64 15.55
N SER C 52 47.35 -14.26 16.61
CA SER C 52 47.73 -14.40 18.01
C SER C 52 46.64 -15.15 18.73
N GLU C 53 47.04 -16.16 19.50
CA GLU C 53 46.15 -17.03 20.29
C GLU C 53 45.30 -16.26 21.35
N VAL C 54 45.60 -14.96 21.58
CA VAL C 54 44.88 -14.11 22.53
C VAL C 54 44.18 -12.95 21.86
N GLU C 55 44.88 -12.31 20.91
CA GLU C 55 44.43 -11.12 20.20
C GLU C 55 43.49 -11.39 19.06
N ASP C 56 43.82 -12.39 18.25
CA ASP C 56 43.01 -12.71 17.08
C ASP C 56 42.05 -13.88 17.33
N SER C 57 42.18 -14.57 18.47
CA SER C 57 41.30 -15.69 18.79
C SER C 57 39.95 -15.21 19.30
N GLY C 58 38.93 -16.07 19.22
CA GLY C 58 37.60 -15.79 19.75
C GLY C 58 36.43 -16.34 18.96
N TYR C 59 35.22 -15.78 19.24
CA TYR C 59 33.94 -16.09 18.61
C TYR C 59 33.77 -15.19 17.39
N TYR C 60 33.41 -15.79 16.24
CA TYR C 60 33.25 -15.10 14.96
C TYR C 60 31.89 -15.34 14.37
N VAL C 61 31.27 -14.26 13.86
CA VAL C 61 29.97 -14.30 13.22
C VAL C 61 29.88 -13.44 11.96
N CYS C 62 29.65 -14.14 10.88
CA CYS C 62 29.47 -13.66 9.53
C CYS C 62 27.95 -13.75 9.34
N TYR C 63 27.29 -12.61 9.03
CA TYR C 63 25.84 -12.55 8.81
C TYR C 63 25.39 -11.40 7.91
N THR C 64 24.45 -11.67 7.01
CA THR C 64 23.86 -10.68 6.11
C THR C 64 22.49 -10.31 6.70
N PRO C 65 21.80 -9.19 6.37
CA PRO C 65 20.44 -9.01 6.90
C PRO C 65 19.51 -9.88 6.05
N ALA C 66 19.63 -11.21 6.25
CA ALA C 66 18.94 -12.30 5.56
C ALA C 66 19.17 -13.56 6.38
N SER C 67 20.44 -14.05 6.43
CA SER C 67 20.79 -15.21 7.22
C SER C 67 21.34 -14.83 8.60
N ASN C 68 20.43 -14.23 9.38
CA ASN C 68 20.60 -13.80 10.78
C ASN C 68 20.48 -15.07 11.64
N LYS C 69 20.78 -16.26 11.02
CA LYS C 69 20.74 -17.58 11.66
C LYS C 69 21.72 -17.58 12.88
N ASN C 70 22.57 -16.52 12.91
CA ASN C 70 23.58 -16.15 13.90
C ASN C 70 24.35 -17.31 14.45
N THR C 71 25.02 -17.90 13.45
CA THR C 71 25.89 -19.05 13.41
C THR C 71 27.26 -18.59 13.87
N TYR C 72 27.65 -19.00 15.09
CA TYR C 72 28.94 -18.71 15.72
C TYR C 72 30.07 -19.41 14.96
N LEU C 73 31.28 -19.32 15.53
CA LEU C 73 32.49 -20.02 15.12
C LEU C 73 33.60 -19.80 16.10
N TYR C 74 33.98 -20.81 16.88
CA TYR C 74 35.04 -20.61 17.85
C TYR C 74 36.43 -20.66 17.20
N LEU C 75 37.55 -20.27 17.91
CA LEU C 75 38.90 -20.29 17.32
C LEU C 75 40.11 -20.66 18.21
N LYS C 76 41.25 -19.89 18.06
CA LYS C 76 42.61 -19.98 18.66
C LYS C 76 43.57 -20.95 17.99
N ALA C 77 42.99 -22.12 17.74
CA ALA C 77 43.54 -23.38 17.30
C ALA C 77 42.38 -24.43 17.02
N ARG C 78 41.58 -24.81 18.06
CA ARG C 78 40.45 -25.74 17.91
C ARG C 78 39.20 -24.94 17.75
N VAL C 79 38.71 -24.97 16.54
CA VAL C 79 37.55 -24.27 16.02
C VAL C 79 36.27 -25.07 16.32
N SER C 80 35.21 -24.35 16.70
CA SER C 80 33.90 -24.93 17.03
C SER C 80 33.94 -25.83 18.24
N GLU C 81 34.49 -25.30 19.37
CA GLU C 81 34.62 -25.95 20.69
C GLU C 81 34.19 -25.02 21.90
N TYR C 82 34.40 -25.50 23.16
CA TYR C 82 34.06 -24.81 24.42
C TYR C 82 34.84 -23.48 24.59
#